data_6YB6
#
_entry.id   6YB6
#
_cell.length_a   70.436
_cell.length_b   71.200
_cell.length_c   72.316
_cell.angle_alpha   90.000
_cell.angle_beta   100.200
_cell.angle_gamma   90.000
#
_symmetry.space_group_name_H-M   'C 1 2 1'
#
loop_
_entity.id
_entity.type
_entity.pdbx_description
1 polymer Prothrombin
2 polymer Prothrombin
3 polymer 'Hirudin variant-2'
4 polymer 'D-Phe-Pro-3-chloro-1,3-dihydroxybenzylamide derivative'
5 non-polymer 'SODIUM ION'
6 non-polymer 'DIMETHYL SULFOXIDE'
7 non-polymer 2-acetamido-2-deoxy-beta-D-glucopyranose
8 non-polymer 'PHOSPHATE ION'
9 water water
#
loop_
_entity_poly.entity_id
_entity_poly.type
_entity_poly.pdbx_seq_one_letter_code
_entity_poly.pdbx_strand_id
1 'polypeptide(L)' TFGSGEADCGLRPLFEKKSLEDKTERELLESYIDGR L
2 'polypeptide(L)'
;IVEGSDAEIGMSPWQVMLFRKSPQELLCGASLISDRWVLTAAHCLLYPPWDKNFTENDLLVRIGKHSRTRYERNIEKISM
LEKIYIHPRYNWRENLDRDIALMKLKKPVAFSDYIHPVCLPDRETAASLLQAGYKGRVTGWGNLKETWTANVGKGQPSVL
QVVNLPIVERPVCKDSTRIRITDNMFCAGYKPDEGKRGDACEGDSGGPFVMKSPFNNRWYQMGIVSWGEGCDRDGKYGFY
THVFRLKKWIQKVIDQFGE
;
H
3 'polypeptide(L)' GDFEEIPEE(TYS)LQ I
4 'polypeptide(L)' (DPN)P(OJK) D
#
# COMPACT_ATOMS: atom_id res chain seq x y z
N GLU A 6 -13.46 -4.66 9.83
CA GLU A 6 -13.95 -4.46 11.21
C GLU A 6 -14.81 -3.19 11.31
N ALA A 7 -15.67 -3.15 12.33
CA ALA A 7 -16.59 -2.03 12.50
C ALA A 7 -15.84 -0.71 12.64
N ASP A 8 -14.62 -0.73 13.14
CA ASP A 8 -13.84 0.47 13.40
C ASP A 8 -12.80 0.72 12.32
N CYS A 9 -12.86 0.00 11.22
CA CYS A 9 -11.82 0.13 10.22
C CYS A 9 -11.74 1.56 9.70
N GLY A 10 -10.51 1.98 9.36
CA GLY A 10 -10.34 3.21 8.65
C GLY A 10 -10.51 4.46 9.46
N LEU A 11 -10.65 4.33 10.77
CA LEU A 11 -10.75 5.45 11.68
C LEU A 11 -9.48 5.46 12.53
N ARG A 12 -8.63 6.47 12.35
CA ARG A 12 -7.32 6.41 12.98
C ARG A 12 -7.39 6.91 14.42
N PRO A 13 -6.78 6.18 15.36
CA PRO A 13 -6.76 6.63 16.77
C PRO A 13 -6.28 8.05 16.97
N LEU A 14 -5.25 8.49 16.26
CA LEU A 14 -4.68 9.81 16.50
C LEU A 14 -5.30 10.90 15.64
N PHE A 15 -6.27 10.55 14.80
CA PHE A 15 -6.90 11.52 13.89
C PHE A 15 -8.41 11.44 14.03
N GLU A 16 -9.08 10.61 13.23
CA GLU A 16 -10.53 10.59 13.24
C GLU A 16 -11.09 10.32 14.63
N LYS A 17 -10.47 9.41 15.39
N LYS A 17 -10.49 9.40 15.38
CA LYS A 17 -11.00 9.09 16.72
CA LYS A 17 -11.09 9.04 16.66
C LYS A 17 -10.91 10.25 17.70
C LYS A 17 -11.15 10.22 17.60
N LYS A 18 -10.06 11.23 17.43
N LYS A 18 -10.20 11.16 17.50
CA LYS A 18 -9.93 12.43 18.24
CA LYS A 18 -10.16 12.35 18.34
C LYS A 18 -10.52 13.66 17.57
C LYS A 18 -10.48 13.64 17.56
N SER A 19 -11.08 13.50 16.38
CA SER A 19 -11.48 14.64 15.55
C SER A 19 -10.32 15.60 15.28
N LEU A 20 -9.15 15.05 14.97
CA LEU A 20 -8.02 15.83 14.49
C LEU A 20 -7.77 15.47 13.05
N GLU A 21 -7.47 16.47 12.24
N GLU A 21 -7.35 16.46 12.27
CA GLU A 21 -7.11 16.23 10.85
CA GLU A 21 -7.13 16.33 10.83
C GLU A 21 -5.61 16.19 10.68
C GLU A 21 -5.64 16.33 10.54
N ASP A 22 -5.18 15.39 9.70
CA ASP A 22 -3.78 15.41 9.31
C ASP A 22 -3.51 16.56 8.35
N LYS A 23 -2.24 16.80 8.08
CA LYS A 23 -1.86 18.04 7.41
C LYS A 23 -2.28 18.10 5.94
N THR A 24 -2.57 16.98 5.28
CA THR A 24 -2.88 17.03 3.87
C THR A 24 -4.18 16.33 3.47
N GLU A 25 -4.96 15.82 4.42
CA GLU A 25 -6.19 15.14 4.02
C GLU A 25 -7.16 16.07 3.32
N ARG A 26 -7.11 17.36 3.63
CA ARG A 26 -7.98 18.31 2.95
C ARG A 26 -7.75 18.31 1.43
N GLU A 27 -6.51 18.12 0.99
CA GLU A 27 -6.22 18.03 -0.44
C GLU A 27 -7.04 16.93 -1.10
N LEU A 28 -7.18 15.79 -0.41
CA LEU A 28 -7.99 14.71 -0.93
C LEU A 28 -9.44 15.13 -1.03
N LEU A 29 -9.97 15.72 0.05
CA LEU A 29 -11.36 16.10 0.07
C LEU A 29 -11.65 17.10 -1.05
N GLU A 30 -10.77 18.06 -1.24
CA GLU A 30 -10.98 19.08 -2.27
C GLU A 30 -11.01 18.50 -3.67
N SER A 31 -10.44 17.33 -3.90
CA SER A 31 -10.44 16.69 -5.20
C SER A 31 -11.72 15.92 -5.46
N TYR A 32 -12.54 15.70 -4.45
CA TYR A 32 -13.73 14.85 -4.61
C TYR A 32 -14.89 15.75 -5.01
N ILE A 33 -14.89 16.14 -6.29
N ILE A 33 -14.86 16.16 -6.27
CA ILE A 33 -15.80 17.15 -6.80
CA ILE A 33 -15.81 17.12 -6.83
C ILE A 33 -17.02 16.52 -7.48
C ILE A 33 -16.93 16.37 -7.50
N ILE B 1 9.14 6.63 -1.93
CA ILE B 1 8.23 7.68 -2.41
C ILE B 1 9.04 8.88 -2.85
N VAL B 2 8.79 9.35 -4.08
CA VAL B 2 9.46 10.50 -4.68
C VAL B 2 8.58 11.71 -4.49
N GLU B 3 9.17 12.82 -4.02
CA GLU B 3 8.50 14.12 -3.93
C GLU B 3 7.33 14.06 -2.95
N GLY B 4 7.46 13.25 -1.92
CA GLY B 4 6.52 13.22 -0.82
C GLY B 4 7.04 13.97 0.38
N SER B 5 6.44 13.68 1.53
CA SER B 5 6.83 14.31 2.79
C SER B 5 6.83 13.27 3.89
N ASP B 6 7.43 13.61 5.02
CA ASP B 6 7.40 12.73 6.18
C ASP B 6 5.96 12.56 6.65
N ALA B 7 5.57 11.32 6.94
CA ALA B 7 4.29 11.06 7.56
C ALA B 7 4.24 11.66 8.97
N GLU B 8 3.05 12.02 9.39
CA GLU B 8 2.78 12.32 10.79
C GLU B 8 2.69 11.02 11.58
N ILE B 9 2.97 11.11 12.87
CA ILE B 9 2.80 9.95 13.74
C ILE B 9 1.36 9.47 13.70
N GLY B 10 1.17 8.18 13.45
CA GLY B 10 -0.15 7.58 13.43
C GLY B 10 -0.96 7.93 12.21
N MET B 11 -0.34 8.50 11.17
CA MET B 11 -1.08 8.93 9.99
C MET B 11 -1.55 7.76 9.14
N SER B 12 -0.84 6.65 9.18
N SER B 12 -0.80 6.66 9.13
CA SER B 12 -1.10 5.48 8.33
CA SER B 12 -1.13 5.48 8.32
C SER B 12 -0.96 4.23 9.18
C SER B 12 -0.95 4.25 9.20
N PRO B 13 -1.85 4.03 10.17
CA PRO B 13 -1.62 3.00 11.18
C PRO B 13 -1.83 1.61 10.65
N TRP B 14 -2.33 1.50 9.42
CA TRP B 14 -2.45 0.25 8.72
C TRP B 14 -1.19 -0.09 7.91
N GLN B 15 -0.20 0.80 7.89
N GLN B 15 -0.19 0.80 7.87
CA GLN B 15 1.02 0.53 7.17
CA GLN B 15 0.97 0.53 7.04
C GLN B 15 1.68 -0.73 7.71
C GLN B 15 1.80 -0.59 7.65
N VAL B 16 2.21 -1.54 6.81
CA VAL B 16 3.01 -2.69 7.23
C VAL B 16 4.28 -2.70 6.41
N MET B 17 5.38 -3.10 7.05
CA MET B 17 6.66 -3.35 6.40
C MET B 17 6.84 -4.86 6.27
N LEU B 18 7.06 -5.33 5.04
CA LEU B 18 7.46 -6.70 4.77
C LEU B 18 8.98 -6.74 4.86
N PHE B 19 9.49 -7.58 5.75
CA PHE B 19 10.89 -7.58 6.15
C PHE B 19 11.48 -8.95 5.93
N ARG B 20 12.59 -9.00 5.20
N ARG B 20 12.59 -8.99 5.19
CA ARG B 20 13.30 -10.24 4.97
CA ARG B 20 13.30 -10.24 4.97
C ARG B 20 14.10 -10.58 6.22
C ARG B 20 14.10 -10.58 6.22
N LYS B 21 14.02 -11.84 6.64
CA LYS B 21 14.75 -12.27 7.85
C LYS B 21 16.26 -12.26 7.65
N SER B 22 16.72 -12.76 6.52
CA SER B 22 18.17 -12.89 6.31
C SER B 22 18.49 -12.83 4.83
N PRO B 23 19.21 -11.81 4.36
CA PRO B 23 19.68 -10.68 5.17
C PRO B 23 18.51 -9.80 5.61
N GLN B 24 18.66 -9.13 6.74
CA GLN B 24 17.58 -8.28 7.24
C GLN B 24 17.45 -7.07 6.32
N GLU B 25 16.30 -6.94 5.63
CA GLU B 25 16.14 -5.82 4.73
C GLU B 25 14.67 -5.60 4.43
N LEU B 26 14.35 -4.38 3.98
CA LEU B 26 13.00 -4.05 3.56
C LEU B 26 12.73 -4.75 2.24
N LEU B 27 11.61 -5.46 2.16
CA LEU B 27 11.19 -6.06 0.90
C LEU B 27 10.10 -5.28 0.21
N CYS B 28 9.12 -4.76 0.94
CA CYS B 28 7.91 -4.24 0.34
C CYS B 28 7.11 -3.57 1.44
N GLY B 29 6.13 -2.79 1.01
CA GLY B 29 5.05 -2.40 1.87
C GLY B 29 3.90 -3.41 1.83
N ALA B 30 2.91 -3.13 2.67
CA ALA B 30 1.74 -3.98 2.88
C ALA B 30 0.78 -3.18 3.76
N SER B 31 -0.40 -3.74 4.00
CA SER B 31 -1.41 -3.05 4.81
C SER B 31 -2.14 -4.03 5.71
N LEU B 32 -2.55 -3.52 6.85
CA LEU B 32 -3.29 -4.28 7.84
C LEU B 32 -4.79 -4.12 7.57
N ILE B 33 -5.47 -5.23 7.32
CA ILE B 33 -6.91 -5.22 7.07
C ILE B 33 -7.74 -5.85 8.16
N SER B 34 -7.12 -6.50 9.14
CA SER B 34 -7.80 -7.00 10.32
C SER B 34 -6.70 -7.33 11.32
N ASP B 35 -7.08 -7.91 12.47
CA ASP B 35 -6.05 -8.26 13.43
C ASP B 35 -5.15 -9.41 13.00
N ARG B 36 -5.48 -10.13 11.93
N ARG B 36 -5.50 -10.12 11.92
CA ARG B 36 -4.64 -11.24 11.55
CA ARG B 36 -4.74 -11.30 11.53
C ARG B 36 -4.38 -11.34 10.05
C ARG B 36 -4.41 -11.35 10.05
N TRP B 37 -4.80 -10.36 9.26
CA TRP B 37 -4.63 -10.41 7.82
C TRP B 37 -3.93 -9.15 7.31
N VAL B 38 -2.96 -9.37 6.44
CA VAL B 38 -2.17 -8.33 5.81
C VAL B 38 -2.27 -8.50 4.29
N LEU B 39 -2.50 -7.40 3.62
CA LEU B 39 -2.62 -7.34 2.17
C LEU B 39 -1.38 -6.75 1.55
N THR B 40 -0.93 -7.35 0.43
CA THR B 40 0.23 -6.83 -0.29
C THR B 40 0.08 -7.20 -1.77
N ALA B 41 1.12 -6.84 -2.53
CA ALA B 41 1.20 -7.20 -3.94
C ALA B 41 1.77 -8.61 -4.06
N ALA B 42 1.19 -9.41 -4.95
CA ALA B 42 1.74 -10.73 -5.23
C ALA B 42 3.20 -10.68 -5.63
N HIS B 43 3.62 -9.65 -6.40
CA HIS B 43 5.00 -9.61 -6.89
C HIS B 43 6.00 -9.38 -5.77
N CYS B 44 5.56 -8.92 -4.60
CA CYS B 44 6.42 -8.86 -3.41
C CYS B 44 6.82 -10.22 -2.92
N LEU B 45 6.07 -11.25 -3.26
CA LEU B 45 6.27 -12.58 -2.74
C LEU B 45 6.64 -13.58 -3.81
N LEU B 46 6.20 -13.36 -5.04
CA LEU B 46 6.40 -14.32 -6.12
C LEU B 46 6.68 -13.54 -7.39
N TYR B 47 7.88 -13.68 -7.92
CA TYR B 47 8.24 -13.10 -9.21
C TYR B 47 9.36 -13.95 -9.80
N PRO B 48 9.00 -15.03 -10.50
CA PRO B 48 10.01 -15.98 -11.03
C PRO B 48 11.04 -15.35 -11.95
N PRO B 49 10.71 -14.32 -12.73
CA PRO B 49 11.77 -13.74 -13.57
C PRO B 49 12.98 -13.26 -12.78
N TRP B 50 12.78 -12.87 -11.52
CA TRP B 50 13.86 -12.45 -10.62
C TRP B 50 14.18 -13.50 -9.56
N ASP B 51 13.77 -14.75 -9.78
CA ASP B 51 14.08 -15.83 -8.84
C ASP B 51 13.50 -15.55 -7.46
N LYS B 52 12.35 -14.88 -7.42
N LYS B 52 12.35 -14.88 -7.42
CA LYS B 52 11.71 -14.53 -6.16
CA LYS B 52 11.71 -14.52 -6.15
C LYS B 52 10.53 -15.46 -5.93
C LYS B 52 10.53 -15.46 -5.92
N ASN B 53 10.59 -16.23 -4.83
CA ASN B 53 9.49 -17.09 -4.44
C ASN B 53 9.61 -17.35 -2.95
N PHE B 54 9.17 -16.40 -2.14
CA PHE B 54 9.38 -16.47 -0.71
C PHE B 54 8.41 -17.47 -0.08
N THR B 55 8.88 -18.11 0.97
CA THR B 55 8.03 -18.92 1.81
C THR B 55 7.76 -18.13 3.10
N GLU B 56 6.76 -18.60 3.86
CA GLU B 56 6.37 -17.92 5.09
C GLU B 56 7.55 -17.69 6.02
N ASN B 57 8.43 -18.69 6.15
CA ASN B 57 9.50 -18.58 7.15
C ASN B 57 10.62 -17.65 6.73
N ASP B 58 10.61 -17.16 5.49
CA ASP B 58 11.63 -16.23 5.04
C ASP B 58 11.39 -14.81 5.53
N LEU B 59 10.19 -14.50 6.02
CA LEU B 59 9.79 -13.11 6.14
C LEU B 59 9.12 -12.83 7.47
N LEU B 60 9.10 -11.54 7.83
CA LEU B 60 8.36 -11.03 8.96
C LEU B 60 7.56 -9.84 8.48
N VAL B 61 6.56 -9.46 9.25
CA VAL B 61 5.88 -8.20 9.02
C VAL B 61 6.07 -7.33 10.26
N ARG B 62 6.32 -6.05 10.03
CA ARG B 62 6.54 -5.10 11.11
C ARG B 62 5.44 -4.06 11.00
N ILE B 63 4.67 -3.89 12.05
CA ILE B 63 3.45 -3.11 12.06
C ILE B 63 3.60 -2.02 13.10
N GLY B 64 3.01 -0.85 12.83
CA GLY B 64 3.12 0.26 13.73
C GLY B 64 4.36 1.11 13.56
N LYS B 65 5.07 0.98 12.43
CA LYS B 65 6.34 1.64 12.28
C LYS B 65 6.23 3.06 11.75
N HIS B 66 7.28 3.84 12.02
CA HIS B 66 7.46 5.17 11.49
C HIS B 66 8.87 5.25 10.92
N SER B 67 9.87 5.11 11.76
CA SER B 67 11.24 5.04 11.30
C SER B 67 11.43 3.84 10.37
N ARG B 68 12.19 4.06 9.28
CA ARG B 68 12.50 2.96 8.38
C ARG B 68 13.40 1.92 9.05
N THR B 69 14.52 2.36 9.62
CA THR B 69 15.54 1.40 10.00
C THR B 69 15.59 1.08 11.49
N ARG B 70 14.99 1.91 12.34
N ARG B 70 15.00 1.88 12.35
CA ARG B 70 15.08 1.71 13.78
CA ARG B 70 15.19 1.66 13.77
C ARG B 70 14.16 0.57 14.22
C ARG B 70 14.15 0.69 14.30
N TYR B 71 14.54 -0.10 15.30
CA TYR B 71 13.63 -1.00 16.00
C TYR B 71 12.85 -0.14 17.00
N GLU B 72 11.56 0.07 16.75
CA GLU B 72 10.76 1.06 17.47
C GLU B 72 10.13 0.39 18.69
N ARG B 73 10.99 0.24 19.69
CA ARG B 73 10.65 -0.44 20.92
C ARG B 73 9.41 0.19 21.55
N ASN B 74 8.52 -0.67 22.00
CA ASN B 74 7.26 -0.34 22.68
C ASN B 74 6.22 0.25 21.72
N ILE B 75 6.50 0.27 20.43
CA ILE B 75 5.61 0.87 19.46
C ILE B 75 5.30 -0.13 18.35
N GLU B 76 6.33 -0.54 17.59
CA GLU B 76 6.09 -1.49 16.53
C GLU B 76 5.87 -2.87 17.11
N LYS B 77 5.17 -3.70 16.34
CA LYS B 77 4.98 -5.10 16.65
C LYS B 77 5.40 -5.92 15.46
N ILE B 78 6.06 -7.03 15.72
CA ILE B 78 6.64 -7.89 14.71
C ILE B 78 5.90 -9.22 14.76
N SER B 79 5.38 -9.65 13.61
CA SER B 79 4.55 -10.83 13.50
C SER B 79 5.14 -11.81 12.50
N MET B 80 5.05 -13.09 12.83
N MET B 80 5.03 -13.08 12.83
CA MET B 80 5.42 -14.13 11.88
CA MET B 80 5.38 -14.15 11.92
C MET B 80 4.21 -14.48 11.04
C MET B 80 4.19 -14.47 11.03
N LEU B 81 4.49 -15.06 9.88
CA LEU B 81 3.46 -15.43 8.92
C LEU B 81 3.04 -16.88 9.13
N GLU B 82 1.73 -17.10 9.19
CA GLU B 82 1.20 -18.46 9.14
C GLU B 82 1.11 -18.98 7.71
N LYS B 83 0.59 -18.18 6.79
CA LYS B 83 0.35 -18.67 5.44
C LYS B 83 0.25 -17.50 4.47
N ILE B 84 0.83 -17.69 3.29
CA ILE B 84 0.75 -16.76 2.17
C ILE B 84 -0.27 -17.31 1.18
N TYR B 85 -1.10 -16.42 0.64
CA TYR B 85 -2.07 -16.75 -0.40
C TYR B 85 -1.88 -15.78 -1.56
N ILE B 86 -1.54 -16.33 -2.71
N ILE B 86 -1.58 -16.32 -2.72
CA ILE B 86 -1.37 -15.58 -3.95
CA ILE B 86 -1.39 -15.52 -3.93
C ILE B 86 -2.65 -15.73 -4.77
C ILE B 86 -2.57 -15.75 -4.85
N HIS B 87 -3.08 -14.67 -5.44
CA HIS B 87 -4.22 -14.80 -6.33
C HIS B 87 -3.92 -15.89 -7.38
N PRO B 88 -4.84 -16.82 -7.63
CA PRO B 88 -4.53 -17.93 -8.53
C PRO B 88 -4.37 -17.51 -9.98
N ARG B 89 -4.84 -16.33 -10.35
CA ARG B 89 -4.69 -15.83 -11.71
C ARG B 89 -3.74 -14.64 -11.78
N TYR B 90 -2.92 -14.44 -10.75
CA TYR B 90 -1.83 -13.47 -10.81
C TYR B 90 -0.95 -13.76 -12.01
N ASN B 91 -0.81 -12.77 -12.87
CA ASN B 91 -0.09 -12.95 -14.13
C ASN B 91 1.31 -12.35 -14.02
N TRP B 92 2.24 -13.12 -13.45
CA TRP B 92 3.63 -12.70 -13.37
C TRP B 92 4.35 -12.86 -14.70
N ARG B 93 3.77 -13.64 -15.61
N ARG B 93 3.76 -13.62 -15.63
CA ARG B 93 4.44 -13.90 -16.87
CA ARG B 93 4.44 -13.86 -16.88
C ARG B 93 4.43 -12.68 -17.76
C ARG B 93 4.44 -12.63 -17.78
N GLU B 94 3.36 -11.88 -17.69
N GLU B 94 3.39 -11.79 -17.70
CA GLU B 94 3.18 -10.78 -18.62
CA GLU B 94 3.14 -10.77 -18.71
C GLU B 94 3.18 -9.45 -17.88
C GLU B 94 3.05 -9.36 -18.16
N ASN B 95 2.00 -9.04 -17.40
CA ASN B 95 1.75 -7.64 -17.05
C ASN B 95 1.36 -7.44 -15.59
N LEU B 96 1.59 -8.42 -14.72
CA LEU B 96 1.23 -8.31 -13.30
C LEU B 96 -0.28 -8.14 -13.10
N ASP B 97 -1.11 -8.64 -14.01
CA ASP B 97 -2.55 -8.61 -13.77
C ASP B 97 -2.87 -9.37 -12.49
N ARG B 98 -3.77 -8.81 -11.69
CA ARG B 98 -4.23 -9.43 -10.45
C ARG B 98 -3.08 -9.54 -9.46
N ASP B 99 -2.36 -8.42 -9.27
CA ASP B 99 -1.17 -8.38 -8.42
C ASP B 99 -1.58 -8.18 -6.97
N ILE B 100 -1.98 -9.28 -6.34
CA ILE B 100 -2.55 -9.22 -5.00
C ILE B 100 -2.21 -10.50 -4.25
N ALA B 101 -1.96 -10.35 -2.96
CA ALA B 101 -1.70 -11.48 -2.09
C ALA B 101 -2.11 -11.12 -0.68
N LEU B 102 -2.43 -12.15 0.07
CA LEU B 102 -2.75 -12.02 1.48
C LEU B 102 -1.75 -12.82 2.30
N MET B 103 -1.50 -12.31 3.52
CA MET B 103 -0.66 -13.01 4.50
C MET B 103 -1.47 -13.12 5.78
N LYS B 104 -1.59 -14.33 6.30
CA LYS B 104 -2.24 -14.57 7.57
C LYS B 104 -1.17 -14.63 8.64
N LEU B 105 -1.38 -13.87 9.72
CA LEU B 105 -0.40 -13.83 10.79
C LEU B 105 -0.56 -15.02 11.74
N LYS B 106 0.56 -15.45 12.31
CA LYS B 106 0.50 -16.56 13.26
C LYS B 106 -0.37 -16.23 14.46
N LYS B 107 -0.30 -15.00 14.95
CA LYS B 107 -1.10 -14.57 16.09
C LYS B 107 -1.70 -13.21 15.79
N PRO B 108 -2.88 -12.90 16.33
CA PRO B 108 -3.42 -11.56 16.10
C PRO B 108 -2.53 -10.47 16.68
N VAL B 109 -2.51 -9.32 16.00
CA VAL B 109 -1.74 -8.17 16.48
C VAL B 109 -2.66 -7.31 17.33
N ALA B 110 -2.10 -6.74 18.39
CA ALA B 110 -2.86 -5.86 19.26
C ALA B 110 -2.93 -4.47 18.62
N PHE B 111 -4.13 -3.93 18.51
CA PHE B 111 -4.29 -2.58 17.97
C PHE B 111 -3.82 -1.57 19.03
N SER B 112 -3.46 -0.38 18.56
CA SER B 112 -2.92 0.68 19.41
C SER B 112 -3.09 2.00 18.69
N ASP B 113 -2.55 3.08 19.25
CA ASP B 113 -2.57 4.34 18.54
C ASP B 113 -1.85 4.27 17.21
N TYR B 114 -0.94 3.31 17.06
CA TYR B 114 -0.05 3.21 15.90
C TYR B 114 -0.42 2.07 14.95
N ILE B 115 -1.35 1.20 15.36
CA ILE B 115 -1.68 -0.03 14.67
C ILE B 115 -3.19 -0.13 14.59
N HIS B 116 -3.73 -0.05 13.38
CA HIS B 116 -5.19 -0.04 13.20
C HIS B 116 -5.50 -0.39 11.76
N PRO B 117 -6.54 -1.17 11.48
CA PRO B 117 -6.79 -1.63 10.11
C PRO B 117 -7.47 -0.59 9.24
N VAL B 118 -7.18 -0.68 7.94
CA VAL B 118 -7.85 0.12 6.91
C VAL B 118 -9.09 -0.64 6.45
N CYS B 119 -10.08 0.09 5.92
CA CYS B 119 -11.23 -0.58 5.35
C CYS B 119 -10.97 -1.00 3.90
N LEU B 120 -11.66 -2.06 3.49
CA LEU B 120 -11.68 -2.39 2.07
C LEU B 120 -12.95 -1.85 1.45
N PRO B 121 -12.92 -1.36 0.22
CA PRO B 121 -14.09 -0.72 -0.36
C PRO B 121 -15.19 -1.69 -0.69
N ASP B 122 -16.41 -1.19 -0.56
CA ASP B 122 -17.60 -1.76 -1.14
C ASP B 122 -17.75 -1.25 -2.58
N ARG B 123 -18.70 -1.85 -3.31
CA ARG B 123 -18.90 -1.49 -4.71
C ARG B 123 -19.22 -0.01 -4.85
N GLU B 124 -20.04 0.54 -3.93
CA GLU B 124 -20.50 1.91 -4.06
C GLU B 124 -19.39 2.91 -3.75
N THR B 125 -18.62 2.65 -2.71
CA THR B 125 -17.49 3.53 -2.42
C THR B 125 -16.49 3.51 -3.58
N ALA B 126 -16.26 2.35 -4.17
CA ALA B 126 -15.35 2.28 -5.32
C ALA B 126 -15.90 3.05 -6.51
N ALA B 127 -17.20 2.86 -6.82
CA ALA B 127 -17.78 3.57 -7.95
C ALA B 127 -17.73 5.08 -7.72
N SER B 128 -17.98 5.52 -6.50
N SER B 128 -17.96 5.51 -6.49
CA SER B 128 -18.00 6.95 -6.23
CA SER B 128 -18.03 6.94 -6.20
C SER B 128 -16.62 7.57 -6.33
C SER B 128 -16.67 7.62 -6.16
N LEU B 129 -15.63 6.91 -5.74
CA LEU B 129 -14.33 7.52 -5.54
C LEU B 129 -13.29 7.25 -6.62
N LEU B 130 -13.42 6.15 -7.36
N LEU B 130 -13.41 6.16 -7.37
CA LEU B 130 -12.45 5.81 -8.39
CA LEU B 130 -12.36 5.82 -8.34
C LEU B 130 -12.80 6.58 -9.65
C LEU B 130 -12.62 6.53 -9.66
N GLN B 131 -12.47 7.85 -9.62
CA GLN B 131 -12.76 8.76 -10.72
C GLN B 131 -11.52 9.57 -11.02
N ALA B 132 -11.30 9.84 -12.31
CA ALA B 132 -10.16 10.63 -12.71
C ALA B 132 -10.17 11.99 -12.03
N GLY B 133 -9.01 12.40 -11.51
CA GLY B 133 -8.85 13.64 -10.79
C GLY B 133 -8.99 13.51 -9.29
N TYR B 134 -9.72 12.50 -8.83
CA TYR B 134 -9.83 12.28 -7.39
C TYR B 134 -8.52 11.76 -6.87
N LYS B 135 -8.08 12.29 -5.73
CA LYS B 135 -6.78 11.95 -5.19
C LYS B 135 -6.85 10.88 -4.13
N GLY B 136 -5.86 10.00 -4.16
CA GLY B 136 -5.57 9.10 -3.08
C GLY B 136 -4.18 9.36 -2.53
N ARG B 137 -3.80 8.51 -1.59
CA ARG B 137 -2.58 8.71 -0.84
C ARG B 137 -1.79 7.41 -0.83
N VAL B 138 -0.50 7.52 -1.10
CA VAL B 138 0.41 6.40 -1.10
C VAL B 138 1.48 6.64 -0.06
N THR B 139 1.85 5.59 0.67
CA THR B 139 2.81 5.70 1.75
C THR B 139 3.82 4.58 1.61
N GLY B 140 5.04 4.84 2.03
CA GLY B 140 6.02 3.78 2.04
C GLY B 140 7.40 4.28 2.43
N TRP B 141 8.29 3.30 2.53
CA TRP B 141 9.68 3.53 2.92
C TRP B 141 10.64 3.33 1.75
N GLY B 142 10.12 3.33 0.53
CA GLY B 142 10.95 3.12 -0.64
C GLY B 142 11.79 4.33 -0.96
N ASN B 143 12.52 4.21 -2.06
CA ASN B 143 13.53 5.20 -2.40
C ASN B 143 12.90 6.56 -2.68
N LEU B 144 13.68 7.59 -2.42
CA LEU B 144 13.28 8.97 -2.62
C LEU B 144 13.50 9.45 -4.04
N LYS B 145 14.27 8.71 -4.84
CA LYS B 145 14.49 9.06 -6.23
C LYS B 145 14.83 7.79 -6.99
N GLU B 146 14.63 7.83 -8.30
CA GLU B 146 14.85 6.64 -9.11
C GLU B 146 16.31 6.23 -9.07
N THR B 147 17.22 7.20 -9.12
CA THR B 147 18.66 6.92 -9.07
C THR B 147 19.37 7.99 -8.27
N GLY B 155 18.88 9.25 -0.73
CA GLY B 155 18.28 8.18 -1.50
C GLY B 155 17.20 7.41 -0.77
N GLN B 156 17.36 7.20 0.52
CA GLN B 156 16.41 6.41 1.29
C GLN B 156 15.93 7.21 2.49
N PRO B 157 14.67 7.07 2.86
CA PRO B 157 14.13 7.94 3.90
C PRO B 157 14.40 7.49 5.33
N SER B 158 14.48 8.48 6.22
CA SER B 158 14.57 8.18 7.64
C SER B 158 13.25 7.64 8.19
N VAL B 159 12.12 8.21 7.75
CA VAL B 159 10.81 7.82 8.24
C VAL B 159 9.85 7.64 7.06
N LEU B 160 8.73 7.02 7.38
CA LEU B 160 7.67 6.77 6.41
C LEU B 160 7.33 8.05 5.63
N GLN B 161 7.20 7.90 4.31
CA GLN B 161 6.88 9.00 3.42
C GLN B 161 5.44 8.87 2.91
N VAL B 162 4.85 10.01 2.58
N VAL B 162 4.85 10.00 2.56
CA VAL B 162 3.46 10.11 2.15
CA VAL B 162 3.47 10.09 2.12
C VAL B 162 3.39 11.03 0.92
C VAL B 162 3.41 11.01 0.91
N VAL B 163 2.58 10.66 -0.06
CA VAL B 163 2.28 11.56 -1.18
C VAL B 163 0.84 11.33 -1.61
N ASN B 164 0.17 12.42 -1.97
CA ASN B 164 -1.19 12.38 -2.50
C ASN B 164 -1.13 12.54 -4.01
N LEU B 165 -1.86 11.69 -4.73
CA LEU B 165 -1.76 11.63 -6.17
C LEU B 165 -3.14 11.45 -6.80
N PRO B 166 -3.41 12.11 -7.91
CA PRO B 166 -4.71 11.98 -8.58
C PRO B 166 -4.79 10.72 -9.45
N ILE B 167 -5.97 10.09 -9.41
CA ILE B 167 -6.28 9.02 -10.36
C ILE B 167 -6.31 9.61 -11.76
N VAL B 168 -5.85 8.85 -12.74
CA VAL B 168 -5.73 9.31 -14.11
C VAL B 168 -6.73 8.59 -15.00
N GLU B 169 -7.23 9.33 -15.99
CA GLU B 169 -8.15 8.80 -16.98
C GLU B 169 -7.55 7.56 -17.64
N ARG B 170 -8.38 6.54 -17.84
CA ARG B 170 -7.86 5.29 -18.37
C ARG B 170 -7.18 5.44 -19.72
N PRO B 171 -7.67 6.24 -20.68
CA PRO B 171 -6.94 6.37 -21.94
C PRO B 171 -5.56 6.95 -21.78
N VAL B 172 -5.39 7.87 -20.84
CA VAL B 172 -4.08 8.45 -20.58
C VAL B 172 -3.15 7.40 -19.99
N CYS B 173 -3.66 6.61 -19.06
CA CYS B 173 -2.85 5.53 -18.52
C CYS B 173 -2.40 4.60 -19.65
N LYS B 174 -3.33 4.20 -20.51
N LYS B 174 -3.33 4.21 -20.52
CA LYS B 174 -3.02 3.27 -21.58
CA LYS B 174 -3.03 3.26 -21.59
C LYS B 174 -1.99 3.83 -22.54
C LYS B 174 -2.00 3.83 -22.56
N ASP B 175 -2.12 5.12 -22.88
CA ASP B 175 -1.26 5.77 -23.84
C ASP B 175 0.11 6.12 -23.29
N SER B 176 0.34 5.89 -22.01
CA SER B 176 1.63 6.19 -21.38
C SER B 176 2.62 5.02 -21.41
N THR B 177 2.20 3.85 -21.85
CA THR B 177 2.97 2.64 -21.68
C THR B 177 2.68 1.68 -22.83
N ARG B 178 3.64 0.80 -23.07
CA ARG B 178 3.43 -0.32 -23.98
C ARG B 178 2.90 -1.56 -23.30
N ILE B 179 2.91 -1.59 -21.97
CA ILE B 179 2.38 -2.73 -21.24
C ILE B 179 0.86 -2.76 -21.35
N ARG B 180 0.30 -3.98 -21.45
CA ARG B 180 -1.13 -4.15 -21.57
C ARG B 180 -1.79 -3.90 -20.21
N ILE B 181 -2.69 -2.93 -20.16
N ILE B 181 -2.71 -2.96 -20.17
CA ILE B 181 -3.41 -2.58 -18.95
CA ILE B 181 -3.41 -2.61 -18.94
C ILE B 181 -4.70 -3.40 -18.91
C ILE B 181 -4.74 -3.34 -18.90
N THR B 182 -5.15 -3.74 -17.72
CA THR B 182 -6.39 -4.47 -17.55
C THR B 182 -7.31 -3.71 -16.62
N ASP B 183 -8.56 -4.17 -16.57
CA ASP B 183 -9.54 -3.61 -15.64
C ASP B 183 -9.19 -3.84 -14.18
N ASN B 184 -8.20 -4.70 -13.89
CA ASN B 184 -7.75 -4.94 -12.52
C ASN B 184 -6.64 -4.00 -12.10
N MET B 185 -6.43 -2.95 -12.86
CA MET B 185 -5.40 -1.95 -12.61
C MET B 185 -6.02 -0.57 -12.76
N PHE B 186 -5.46 0.40 -12.05
CA PHE B 186 -5.70 1.82 -12.36
C PHE B 186 -4.35 2.53 -12.23
N CYS B 187 -4.26 3.73 -12.79
CA CYS B 187 -3.02 4.48 -12.67
C CYS B 187 -3.28 5.83 -12.00
N ALA B 188 -2.21 6.42 -11.46
CA ALA B 188 -2.32 7.66 -10.72
C ALA B 188 -0.99 8.42 -10.84
N GLY B 189 -1.09 9.71 -10.68
CA GLY B 189 0.03 10.62 -10.77
C GLY B 189 -0.32 11.89 -11.51
N TYR B 190 0.53 12.89 -11.39
CA TYR B 190 0.31 14.14 -12.09
C TYR B 190 0.79 14.05 -13.53
N LYS B 191 0.15 14.81 -14.39
N LYS B 191 0.15 14.81 -14.39
CA LYS B 191 0.58 14.94 -15.77
CA LYS B 191 0.58 14.94 -15.77
C LYS B 191 1.71 15.96 -15.88
C LYS B 191 1.72 15.95 -15.86
N PRO B 192 2.52 15.89 -16.94
CA PRO B 192 3.61 16.88 -17.07
C PRO B 192 3.15 18.32 -16.96
N ASP B 193 1.99 18.66 -17.52
CA ASP B 193 1.50 20.04 -17.51
C ASP B 193 0.89 20.45 -16.18
N GLU B 194 0.81 19.54 -15.21
CA GLU B 194 0.19 19.87 -13.94
C GLU B 194 1.17 20.46 -12.94
N GLY B 195 2.48 20.41 -13.22
CA GLY B 195 3.46 21.00 -12.31
C GLY B 195 3.85 20.12 -11.13
N LYS B 196 2.87 19.81 -10.27
CA LYS B 196 3.13 18.96 -9.11
C LYS B 196 3.66 17.61 -9.56
N ARG B 197 4.35 16.93 -8.66
CA ARG B 197 5.04 15.69 -8.96
C ARG B 197 4.77 14.68 -7.85
N GLY B 198 5.36 13.49 -7.97
CA GLY B 198 5.26 12.48 -6.93
C GLY B 198 4.95 11.11 -7.48
N ASP B 199 5.47 10.09 -6.81
CA ASP B 199 5.26 8.72 -7.25
C ASP B 199 5.74 7.79 -6.16
N ALA B 200 5.30 6.53 -6.26
CA ALA B 200 5.96 5.46 -5.54
C ALA B 200 7.29 5.15 -6.21
N CYS B 201 8.14 4.42 -5.51
CA CYS B 201 9.41 4.00 -6.07
C CYS B 201 9.81 2.67 -5.44
N GLU B 202 10.98 2.15 -5.83
CA GLU B 202 11.44 0.86 -5.34
C GLU B 202 11.41 0.80 -3.81
N GLY B 203 10.76 -0.25 -3.31
CA GLY B 203 10.54 -0.47 -1.91
C GLY B 203 9.16 -0.09 -1.43
N ASP B 204 8.42 0.72 -2.21
CA ASP B 204 7.05 1.07 -1.86
C ASP B 204 6.03 0.04 -2.33
N SER B 205 6.39 -0.81 -3.26
N SER B 205 6.46 -0.87 -3.22
CA SER B 205 5.38 -1.67 -3.84
CA SER B 205 5.65 -1.99 -3.74
C SER B 205 4.83 -2.64 -2.78
C SER B 205 4.80 -2.60 -2.64
N GLY B 206 3.57 -3.00 -2.98
CA GLY B 206 2.80 -3.72 -2.02
C GLY B 206 2.06 -2.87 -1.02
N GLY B 207 2.46 -1.60 -0.87
CA GLY B 207 1.81 -0.71 0.05
C GLY B 207 0.50 -0.19 -0.50
N PRO B 208 -0.22 0.54 0.35
CA PRO B 208 -1.59 0.93 0.01
C PRO B 208 -1.71 2.28 -0.67
N PHE B 209 -2.70 2.37 -1.56
CA PHE B 209 -3.26 3.60 -2.11
C PHE B 209 -4.62 3.75 -1.46
N VAL B 210 -4.75 4.76 -0.59
CA VAL B 210 -5.95 4.94 0.21
C VAL B 210 -6.65 6.24 -0.16
N MET B 211 -7.97 6.25 0.12
CA MET B 211 -8.82 7.41 -0.08
C MET B 211 -9.68 7.56 1.16
N LYS B 212 -9.94 8.79 1.55
CA LYS B 212 -10.80 9.05 2.71
C LYS B 212 -12.20 9.35 2.22
N SER B 213 -13.13 8.45 2.50
CA SER B 213 -14.48 8.66 2.02
C SER B 213 -15.07 9.94 2.58
N PRO B 214 -15.60 10.83 1.75
CA PRO B 214 -16.26 12.03 2.27
C PRO B 214 -17.67 11.75 2.77
N PHE B 215 -18.15 10.54 2.57
CA PHE B 215 -19.48 10.12 3.02
C PHE B 215 -19.47 9.68 4.47
N ASN B 216 -18.46 8.88 4.88
CA ASN B 216 -18.43 8.37 6.24
C ASN B 216 -17.11 8.64 6.96
N ASN B 217 -16.22 9.42 6.35
N ASN B 217 -16.18 9.41 6.38
CA ASN B 217 -14.95 9.85 6.95
CA ASN B 217 -14.96 9.84 7.08
C ASN B 217 -14.09 8.68 7.39
C ASN B 217 -13.96 8.72 7.31
N ARG B 218 -14.14 7.56 6.67
CA ARG B 218 -13.26 6.43 6.87
C ARG B 218 -12.29 6.29 5.70
N TRP B 219 -11.10 5.79 6.01
CA TRP B 219 -10.11 5.47 5.00
C TRP B 219 -10.32 4.09 4.41
N TYR B 220 -10.29 4.06 3.09
CA TYR B 220 -10.45 2.86 2.29
C TYR B 220 -9.22 2.62 1.44
N GLN B 221 -8.82 1.36 1.36
CA GLN B 221 -7.72 0.99 0.46
C GLN B 221 -8.24 0.63 -0.92
N MET B 222 -8.06 1.53 -1.85
CA MET B 222 -8.52 1.35 -3.22
C MET B 222 -7.49 0.65 -4.09
N GLY B 223 -6.21 0.78 -3.77
CA GLY B 223 -5.17 0.24 -4.63
C GLY B 223 -4.03 -0.36 -3.83
N ILE B 224 -3.21 -1.14 -4.54
CA ILE B 224 -1.94 -1.66 -4.06
C ILE B 224 -0.87 -1.19 -5.04
N VAL B 225 0.22 -0.62 -4.51
CA VAL B 225 1.34 -0.23 -5.37
C VAL B 225 1.85 -1.46 -6.14
N SER B 226 1.69 -1.45 -7.46
CA SER B 226 1.95 -2.63 -8.27
C SER B 226 3.12 -2.50 -9.23
N TRP B 227 3.07 -1.56 -10.16
CA TRP B 227 4.17 -1.47 -11.12
C TRP B 227 4.29 -0.06 -11.67
N GLY B 228 5.45 0.21 -12.26
CA GLY B 228 5.69 1.48 -12.92
C GLY B 228 6.93 1.30 -13.78
N GLU B 229 7.26 2.34 -14.53
CA GLU B 229 8.43 2.31 -15.41
C GLU B 229 9.23 3.55 -15.02
N GLY B 230 10.13 3.35 -14.09
CA GLY B 230 10.86 4.45 -13.50
C GLY B 230 10.07 4.97 -12.34
N CYS B 231 10.58 5.99 -11.67
CA CYS B 231 9.86 6.65 -10.59
C CYS B 231 9.77 8.12 -10.93
N ASP B 232 8.54 8.64 -10.86
CA ASP B 232 8.27 10.05 -11.03
C ASP B 232 8.76 10.58 -12.38
N ARG B 233 8.65 9.77 -13.43
CA ARG B 233 9.05 10.24 -14.75
C ARG B 233 7.90 11.03 -15.39
N ASP B 234 8.26 12.09 -16.10
CA ASP B 234 7.24 12.85 -16.81
C ASP B 234 6.56 11.97 -17.87
N GLY B 235 5.24 12.01 -17.91
CA GLY B 235 4.50 11.25 -18.88
C GLY B 235 4.29 9.80 -18.51
N LYS B 236 4.83 9.35 -17.39
N LYS B 236 4.82 9.35 -17.39
CA LYS B 236 4.61 8.02 -16.86
CA LYS B 236 4.59 8.02 -16.87
C LYS B 236 3.74 8.14 -15.61
C LYS B 236 3.74 8.13 -15.62
N TYR B 237 3.10 7.03 -15.27
CA TYR B 237 2.19 6.97 -14.14
C TYR B 237 2.45 5.68 -13.37
N GLY B 238 2.16 5.71 -12.07
CA GLY B 238 2.20 4.51 -11.30
C GLY B 238 0.94 3.70 -11.49
N PHE B 239 1.08 2.39 -11.52
CA PHE B 239 -0.04 1.47 -11.67
C PHE B 239 -0.28 0.74 -10.36
N TYR B 240 -1.58 0.56 -10.07
CA TYR B 240 -2.06 0.03 -8.81
C TYR B 240 -3.05 -1.09 -9.05
N THR B 241 -2.98 -2.12 -8.22
CA THR B 241 -4.00 -3.16 -8.25
C THR B 241 -5.33 -2.60 -7.78
N HIS B 242 -6.38 -2.89 -8.54
CA HIS B 242 -7.75 -2.40 -8.25
C HIS B 242 -8.34 -3.33 -7.20
N VAL B 243 -8.28 -2.91 -5.93
CA VAL B 243 -8.63 -3.80 -4.82
C VAL B 243 -10.08 -4.25 -4.90
N PHE B 244 -11.00 -3.31 -5.18
CA PHE B 244 -12.40 -3.69 -5.23
C PHE B 244 -12.65 -4.79 -6.27
N ARG B 245 -12.01 -4.71 -7.44
CA ARG B 245 -12.22 -5.70 -8.48
C ARG B 245 -11.84 -7.10 -8.04
N LEU B 246 -10.95 -7.22 -7.06
CA LEU B 246 -10.43 -8.49 -6.59
C LEU B 246 -10.97 -8.83 -5.21
N LYS B 247 -11.98 -8.11 -4.74
CA LYS B 247 -12.42 -8.30 -3.38
C LYS B 247 -13.12 -9.64 -3.16
N LYS B 248 -13.76 -10.20 -4.20
CA LYS B 248 -14.41 -11.49 -4.01
C LYS B 248 -13.37 -12.55 -3.68
N TRP B 249 -12.18 -12.44 -4.27
CA TRP B 249 -11.11 -13.37 -3.93
C TRP B 249 -10.63 -13.15 -2.50
N ILE B 250 -10.45 -11.88 -2.10
CA ILE B 250 -10.04 -11.61 -0.72
C ILE B 250 -11.02 -12.25 0.24
N GLN B 251 -12.31 -12.04 -0.01
CA GLN B 251 -13.34 -12.55 0.90
C GLN B 251 -13.33 -14.07 0.93
N LYS B 252 -13.16 -14.70 -0.22
CA LYS B 252 -13.11 -16.16 -0.30
C LYS B 252 -11.98 -16.69 0.56
N VAL B 253 -10.80 -16.05 0.47
CA VAL B 253 -9.66 -16.53 1.25
C VAL B 253 -9.93 -16.35 2.74
N ILE B 254 -10.39 -15.17 3.13
CA ILE B 254 -10.62 -14.92 4.55
C ILE B 254 -11.72 -15.81 5.08
N ASP B 255 -12.79 -16.02 4.31
CA ASP B 255 -13.88 -16.89 4.76
C ASP B 255 -13.43 -18.33 4.87
N GLN B 256 -12.59 -18.80 3.94
CA GLN B 256 -12.21 -20.21 3.93
C GLN B 256 -11.12 -20.50 4.95
N PHE B 257 -10.22 -19.54 5.18
CA PHE B 257 -9.05 -19.75 6.00
C PHE B 257 -9.05 -18.78 7.17
N ASP C 2 22.27 -1.83 7.73
CA ASP C 2 21.45 -0.63 7.54
C ASP C 2 20.33 -0.54 8.57
N PHE C 3 19.75 -1.69 8.90
CA PHE C 3 18.65 -1.78 9.85
C PHE C 3 19.17 -2.16 11.24
N GLU C 4 18.60 -1.52 12.25
CA GLU C 4 18.87 -1.91 13.62
C GLU C 4 18.41 -3.35 13.83
N GLU C 5 19.23 -4.13 14.53
CA GLU C 5 18.87 -5.51 14.81
C GLU C 5 17.55 -5.56 15.57
N ILE C 6 16.73 -6.55 15.25
CA ILE C 6 15.46 -6.73 15.95
C ILE C 6 15.65 -7.78 17.05
N PRO C 7 14.80 -7.82 18.05
CA PRO C 7 14.92 -8.82 19.11
C PRO C 7 15.03 -10.23 18.54
N GLU C 8 15.88 -11.06 19.16
CA GLU C 8 16.12 -12.40 18.65
C GLU C 8 14.87 -13.25 18.70
N GLU C 9 13.95 -12.97 19.61
CA GLU C 9 12.73 -13.74 19.75
C GLU C 9 11.94 -13.80 18.42
N LEU C 11 13.23 -13.99 15.44
CA LEU C 11 13.97 -14.72 14.42
C LEU C 11 14.08 -16.22 14.74
N GLN C 12 13.44 -16.67 15.81
CA GLN C 12 13.57 -18.06 16.23
C GLN C 12 12.54 -18.94 15.51
N PRO D 2 7.69 -4.60 -12.24
CA PRO D 2 7.17 -4.71 -10.86
C PRO D 2 7.76 -3.66 -9.93
#